data_5XJ1
#
_entry.id   5XJ1
#
_cell.length_a   46.452
_cell.length_b   101.772
_cell.length_c   63.037
_cell.angle_alpha   90.000
_cell.angle_beta   110.110
_cell.angle_gamma   90.000
#
_symmetry.space_group_name_H-M   'P 1 21 1'
#
loop_
_entity.id
_entity.type
_entity.pdbx_description
1 polymer 'Uncharacterized RNA methyltransferase SP_1029'
2 non-polymer GLYCEROL
3 non-polymer 'HEXAETHYLENE GLYCOL'
4 non-polymer '4-(2-HYDROXYETHYL)-1-PIPERAZINE ETHANESULFONIC ACID'
5 water water
#
_entity_poly.entity_id   1
_entity_poly.type   'polypeptide(L)'
_entity_poly.pdbx_seq_one_letter_code
;MLKKNDIVEVEIVDLTHEGAGVAKVDGLVFFVENALPSEKILMRVLKVNKKIGFGKVEKYLVQSPHRNQDLDLAYLRSGI
ADLGHLSYPEQLKFKTKQVKDSLYKIAGIADVEVAETLGMEHPVKYRNKAQVPVRRVNGVLETGFFRKNSHNLMPLEDFF
IQDPVIDQVVVALRDLLRRFDLKPYDEKEQSGLIRNLVVRRGHYSGQIMVVLVTTRPKVFRVDQLIEQVIKQFPEIVSVM
QNINDQNTNAIFGKEWRTLYGQDYITDQMLGNDFQIAGPAFYQVNTEMAEKLYQTAIDFAELKKDDVIIDAYSGIGTIGL
SVAKHVKEVYGVELIPEAVENSQKNASLNKITNAHYVCDTAENAMKKWLKEGIQPTVILVDPPRKGLTESFIKASAQTGA
DRIAYISCNVATMARDIKLYQELGYELKKVQPVDLFPQTHHVETVALLSKLDVD
;
_entity_poly.pdbx_strand_id   A
#
# COMPACT_ATOMS: atom_id res chain seq x y z
N MET A 1 14.10 5.00 38.64
CA MET A 1 14.36 4.78 37.22
C MET A 1 14.01 3.34 36.81
N LEU A 2 13.17 3.21 35.80
CA LEU A 2 12.56 1.93 35.46
C LEU A 2 13.58 0.94 34.90
N LYS A 3 13.28 -0.34 35.13
CA LYS A 3 14.05 -1.49 34.67
C LYS A 3 13.17 -2.39 33.84
N LYS A 4 13.78 -3.17 32.96
CA LYS A 4 13.01 -4.18 32.24
C LYS A 4 12.35 -5.15 33.22
N ASN A 5 11.14 -5.60 32.86
CA ASN A 5 10.27 -6.48 33.64
C ASN A 5 9.68 -5.80 34.87
N ASP A 6 9.96 -4.52 35.10
CA ASP A 6 9.17 -3.77 36.06
C ASP A 6 7.71 -3.75 35.61
N ILE A 7 6.82 -3.72 36.59
CA ILE A 7 5.39 -3.55 36.36
C ILE A 7 4.99 -2.22 36.99
N VAL A 8 4.50 -1.31 36.17
CA VAL A 8 4.09 0.01 36.63
C VAL A 8 2.70 0.29 36.08
N GLU A 9 1.86 0.90 36.92
CA GLU A 9 0.53 1.31 36.47
C GLU A 9 0.65 2.62 35.72
N VAL A 10 0.24 2.62 34.46
CA VAL A 10 0.33 3.81 33.64
C VAL A 10 -1.03 4.04 33.01
N GLU A 11 -1.27 5.30 32.67
CA GLU A 11 -2.38 5.67 31.80
C GLU A 11 -1.83 5.96 30.42
N ILE A 12 -2.49 5.40 29.41
CA ILE A 12 -2.09 5.64 28.03
C ILE A 12 -2.61 7.02 27.64
N VAL A 13 -1.71 7.89 27.20
CA VAL A 13 -2.08 9.29 26.97
C VAL A 13 -2.00 9.68 25.52
N ASP A 14 -1.50 8.81 24.65
CA ASP A 14 -1.38 9.13 23.23
C ASP A 14 -1.26 7.83 22.45
N LEU A 15 -1.29 7.94 21.14
CA LEU A 15 -1.15 6.79 20.24
C LEU A 15 -0.24 7.22 19.10
N THR A 16 0.80 6.43 18.83
CA THR A 16 1.68 6.77 17.72
C THR A 16 1.00 6.50 16.39
N HIS A 17 1.55 7.11 15.34
CA HIS A 17 1.12 6.84 13.96
C HIS A 17 1.00 5.35 13.70
N GLU A 18 2.02 4.57 14.12
CA GLU A 18 2.04 3.15 13.85
C GLU A 18 1.18 2.33 14.81
N GLY A 19 0.49 2.96 15.75
CA GLY A 19 -0.48 2.25 16.56
C GLY A 19 -0.01 1.79 17.93
N ALA A 20 1.13 2.28 18.39
CA ALA A 20 1.60 1.97 19.73
C ALA A 20 1.00 2.93 20.75
N GLY A 21 0.53 2.40 21.88
CA GLY A 21 0.13 3.27 22.98
C GLY A 21 1.32 4.03 23.55
N VAL A 22 1.06 5.24 24.05
CA VAL A 22 2.09 6.11 24.59
C VAL A 22 1.79 6.39 26.06
N ALA A 23 2.75 6.09 26.91
CA ALA A 23 2.68 6.45 28.32
C ALA A 23 3.91 7.30 28.64
N LYS A 24 3.80 8.12 29.69
CA LYS A 24 4.92 8.97 30.10
C LYS A 24 5.15 8.71 31.58
N VAL A 25 6.31 8.14 31.90
CA VAL A 25 6.66 7.74 33.26
C VAL A 25 8.11 8.14 33.49
N ASP A 26 8.37 8.70 34.68
CA ASP A 26 9.73 9.01 35.13
C ASP A 26 10.60 9.64 34.04
N GLY A 27 10.05 10.60 33.31
CA GLY A 27 10.84 11.31 32.33
C GLY A 27 11.04 10.60 31.00
N LEU A 28 10.50 9.38 30.84
CA LEU A 28 10.61 8.63 29.61
C LEU A 28 9.26 8.55 28.91
N VAL A 29 9.30 8.39 27.60
CA VAL A 29 8.11 8.16 26.80
C VAL A 29 8.07 6.68 26.44
N PHE A 30 7.04 5.97 26.90
CA PHE A 30 6.91 4.54 26.68
C PHE A 30 5.95 4.22 25.55
N PHE A 31 6.35 3.28 24.69
CA PHE A 31 5.51 2.78 23.61
C PHE A 31 5.05 1.37 23.98
N VAL A 32 3.73 1.14 23.92
CA VAL A 32 3.11 -0.07 24.46
C VAL A 32 2.22 -0.71 23.38
N GLU A 33 2.49 -1.98 23.06
CA GLU A 33 1.67 -2.71 22.09
C GLU A 33 0.27 -2.97 22.65
N ASN A 34 -0.73 -2.86 21.77
CA ASN A 34 -2.11 -3.26 22.10
C ASN A 34 -2.63 -2.53 23.34
N ALA A 35 -2.41 -1.22 23.37
CA ALA A 35 -2.82 -0.36 24.48
C ALA A 35 -3.32 0.95 23.91
N LEU A 36 -4.53 1.34 24.25
CA LEU A 36 -5.20 2.47 23.61
C LEU A 36 -5.31 3.66 24.56
N PRO A 37 -5.44 4.89 24.03
CA PRO A 37 -5.58 6.06 24.91
C PRO A 37 -6.72 5.92 25.90
N SER A 38 -6.47 6.40 27.12
CA SER A 38 -7.33 6.37 28.30
C SER A 38 -7.36 4.99 28.93
N GLU A 39 -6.77 3.96 28.32
CA GLU A 39 -6.67 2.70 29.04
C GLU A 39 -5.71 2.88 30.21
N LYS A 40 -6.03 2.21 31.31
CA LYS A 40 -5.15 2.10 32.45
C LYS A 40 -4.69 0.66 32.48
N ILE A 41 -3.40 0.47 32.58
CA ILE A 41 -2.84 -0.87 32.52
C ILE A 41 -1.79 -1.00 33.59
N LEU A 42 -1.57 -2.25 34.00
CA LEU A 42 -0.26 -2.65 34.48
C LEU A 42 0.60 -2.90 33.25
N MET A 43 1.67 -2.12 33.11
CA MET A 43 2.58 -2.20 31.98
C MET A 43 3.84 -2.94 32.38
N ARG A 44 4.22 -3.94 31.59
CA ARG A 44 5.48 -4.64 31.78
C ARG A 44 6.56 -3.96 30.94
N VAL A 45 7.56 -3.40 31.60
CA VAL A 45 8.67 -2.77 30.90
C VAL A 45 9.45 -3.83 30.14
N LEU A 46 9.55 -3.67 28.82
CA LEU A 46 10.35 -4.56 27.98
C LEU A 46 11.74 -4.01 27.68
N LYS A 47 11.90 -2.69 27.64
CA LYS A 47 13.16 -2.11 27.22
C LYS A 47 13.16 -0.63 27.58
N VAL A 48 14.31 -0.12 28.03
CA VAL A 48 14.47 1.29 28.41
C VAL A 48 15.62 1.88 27.61
N ASN A 49 15.33 2.90 26.78
CA ASN A 49 16.38 3.63 26.10
C ASN A 49 16.58 4.99 26.79
N LYS A 50 17.30 5.90 26.13
CA LYS A 50 17.69 7.16 26.78
C LYS A 50 16.48 8.06 27.04
N LYS A 51 15.66 8.29 26.03
CA LYS A 51 14.49 9.13 26.19
C LYS A 51 13.20 8.35 26.05
N ILE A 52 13.25 7.11 25.56
CA ILE A 52 12.06 6.31 25.29
C ILE A 52 12.22 4.92 25.90
N GLY A 53 11.07 4.24 26.07
CA GLY A 53 11.06 2.86 26.49
C GLY A 53 9.98 2.08 25.77
N PHE A 54 9.95 0.77 26.01
CA PHE A 54 8.98 -0.13 25.40
C PHE A 54 8.33 -0.98 26.47
N GLY A 55 7.01 -1.17 26.37
CA GLY A 55 6.26 -1.91 27.36
C GLY A 55 5.23 -2.84 26.74
N LYS A 56 4.69 -3.71 27.60
CA LYS A 56 3.66 -4.68 27.25
C LYS A 56 2.53 -4.60 28.26
N VAL A 57 1.33 -4.96 27.85
CA VAL A 57 0.22 -4.97 28.82
C VAL A 57 0.30 -6.26 29.62
N GLU A 58 0.55 -6.12 30.92
CA GLU A 58 0.46 -7.27 31.81
C GLU A 58 -0.99 -7.53 32.20
N LYS A 59 -1.76 -6.47 32.37
CA LYS A 59 -3.16 -6.60 32.77
C LYS A 59 -3.87 -5.30 32.41
N TYR A 60 -5.08 -5.43 31.86
CA TYR A 60 -5.92 -4.27 31.61
C TYR A 60 -6.70 -3.95 32.87
N LEU A 61 -6.52 -2.75 33.42
CA LEU A 61 -7.31 -2.28 34.54
C LEU A 61 -8.57 -1.57 34.06
N VAL A 62 -8.39 -0.69 33.10
CA VAL A 62 -9.49 0.00 32.43
C VAL A 62 -9.29 -0.22 30.93
N GLN A 63 -10.25 -0.84 30.28
CA GLN A 63 -10.19 -1.03 28.85
C GLN A 63 -11.04 0.03 28.16
N SER A 64 -10.54 0.49 27.03
CA SER A 64 -11.22 1.56 26.31
C SER A 64 -12.54 1.06 25.74
N PRO A 65 -13.60 1.87 25.81
CA PRO A 65 -14.84 1.51 25.11
C PRO A 65 -14.63 1.44 23.61
N HIS A 66 -13.53 1.99 23.11
CA HIS A 66 -13.20 1.95 21.69
C HIS A 66 -12.39 0.73 21.29
N ARG A 67 -12.14 -0.19 22.22
CA ARG A 67 -11.38 -1.39 21.89
C ARG A 67 -12.24 -2.39 21.14
N ASN A 68 -11.67 -2.96 20.07
CA ASN A 68 -12.29 -4.08 19.36
C ASN A 68 -11.80 -5.40 19.95
N GLN A 69 -12.69 -6.07 20.69
CA GLN A 69 -12.34 -7.28 21.45
C GLN A 69 -12.18 -8.52 20.58
N ASP A 70 -12.64 -8.50 19.34
CA ASP A 70 -12.72 -9.72 18.55
C ASP A 70 -11.51 -9.95 17.68
N LEU A 71 -10.55 -9.03 17.67
CA LEU A 71 -9.37 -9.16 16.83
C LEU A 71 -8.44 -10.21 17.39
N ASP A 72 -8.10 -11.18 16.57
CA ASP A 72 -7.06 -12.13 16.93
C ASP A 72 -5.75 -11.39 17.05
N LEU A 73 -5.00 -11.65 18.12
CA LEU A 73 -3.76 -10.90 18.33
C LEU A 73 -2.73 -11.14 17.22
N ALA A 74 -2.86 -12.24 16.46
CA ALA A 74 -1.90 -12.51 15.40
C ALA A 74 -1.79 -11.34 14.42
N TYR A 75 -2.89 -10.62 14.22
CA TYR A 75 -2.89 -9.54 13.24
C TYR A 75 -2.17 -8.29 13.74
N LEU A 76 -2.05 -8.10 15.05
CA LEU A 76 -1.20 -7.04 15.56
C LEU A 76 0.26 -7.43 15.49
N ARG A 77 0.59 -8.65 15.94
CA ARG A 77 1.99 -9.02 16.04
C ARG A 77 2.62 -9.26 14.68
N SER A 78 1.81 -9.57 13.65
CA SER A 78 2.32 -9.65 12.29
C SER A 78 2.38 -8.30 11.62
N GLY A 79 1.82 -7.27 12.25
CA GLY A 79 1.71 -5.96 11.63
C GLY A 79 0.80 -5.95 10.45
N ILE A 80 -0.05 -6.98 10.31
CA ILE A 80 -1.06 -7.00 9.25
C ILE A 80 -2.12 -5.94 9.52
N ALA A 81 -2.51 -5.75 10.79
CA ALA A 81 -3.55 -4.76 11.12
C ALA A 81 -3.14 -3.98 12.38
N ASP A 82 -2.24 -2.99 12.18
CA ASP A 82 -1.65 -2.23 13.29
C ASP A 82 -2.68 -1.47 14.12
N LEU A 83 -3.83 -1.12 13.54
CA LEU A 83 -4.88 -0.43 14.29
C LEU A 83 -6.12 -1.31 14.48
N GLY A 84 -5.99 -2.63 14.25
CA GLY A 84 -7.15 -3.51 14.25
C GLY A 84 -7.83 -3.67 15.60
N HIS A 85 -7.15 -3.28 16.67
CA HIS A 85 -7.71 -3.36 18.00
C HIS A 85 -8.50 -2.11 18.36
N LEU A 86 -8.50 -1.11 17.49
CA LEU A 86 -9.24 0.12 17.70
C LEU A 86 -10.52 0.05 16.88
N SER A 87 -11.63 0.50 17.47
CA SER A 87 -12.88 0.55 16.73
C SER A 87 -12.67 1.30 15.43
N TYR A 88 -13.36 0.85 14.40
CA TYR A 88 -13.13 1.48 13.11
C TYR A 88 -13.47 2.97 13.11
N PRO A 89 -14.52 3.46 13.77
CA PRO A 89 -14.74 4.93 13.77
C PRO A 89 -13.58 5.70 14.38
N GLU A 90 -12.95 5.17 15.43
CA GLU A 90 -11.80 5.87 16.00
C GLU A 90 -10.55 5.73 15.15
N GLN A 91 -10.42 4.66 14.36
CA GLN A 91 -9.32 4.60 13.39
C GLN A 91 -9.40 5.79 12.44
N LEU A 92 -10.59 6.05 11.93
CA LEU A 92 -10.78 7.16 10.99
C LEU A 92 -10.46 8.51 11.65
N LYS A 93 -10.93 8.74 12.87
CA LYS A 93 -10.70 10.02 13.53
C LYS A 93 -9.20 10.26 13.76
N PHE A 94 -8.48 9.20 14.06
CA PHE A 94 -7.05 9.30 14.31
C PHE A 94 -6.31 9.71 13.05
N LYS A 95 -6.68 9.12 11.91
CA LYS A 95 -5.98 9.46 10.66
C LYS A 95 -6.29 10.90 10.25
N THR A 96 -7.52 11.36 10.49
CA THR A 96 -7.87 12.75 10.24
C THR A 96 -7.00 13.69 11.09
N LYS A 97 -6.89 13.39 12.38
CA LYS A 97 -6.13 14.24 13.28
C LYS A 97 -4.68 14.37 12.84
N GLN A 98 -4.09 13.26 12.39
CA GLN A 98 -2.71 13.25 11.93
C GLN A 98 -2.49 14.16 10.73
N VAL A 99 -3.44 14.20 9.80
CA VAL A 99 -3.30 15.10 8.67
C VAL A 99 -3.32 16.55 9.16
N LYS A 100 -4.30 16.90 9.99
CA LYS A 100 -4.40 18.26 10.52
C LYS A 100 -3.12 18.69 11.23
N ASP A 101 -2.56 17.82 12.06
CA ASP A 101 -1.39 18.20 12.85
C ASP A 101 -0.16 18.36 11.95
N SER A 102 -0.05 17.54 10.92
CA SER A 102 1.08 17.66 10.00
C SER A 102 1.04 18.99 9.25
N LEU A 103 -0.14 19.39 8.78
CA LEU A 103 -0.23 20.65 8.04
C LEU A 103 0.15 21.83 8.93
N TYR A 104 -0.23 21.78 10.20
CA TYR A 104 0.07 22.89 11.09
C TYR A 104 1.54 22.92 11.48
N LYS A 105 2.05 21.79 11.96
CA LYS A 105 3.41 21.76 12.50
C LYS A 105 4.47 21.93 11.42
N ILE A 106 4.24 21.41 10.22
CA ILE A 106 5.24 21.45 9.16
C ILE A 106 5.05 22.65 8.24
N ALA A 107 3.82 22.90 7.79
CA ALA A 107 3.57 24.00 6.86
C ALA A 107 3.03 25.24 7.54
N GLY A 108 2.76 25.20 8.85
CA GLY A 108 2.22 26.36 9.52
C GLY A 108 0.81 26.70 9.10
N ILE A 109 0.07 25.71 8.60
CA ILE A 109 -1.26 25.90 8.04
C ILE A 109 -2.31 25.47 9.06
N ALA A 110 -3.20 26.39 9.43
CA ALA A 110 -4.25 26.10 10.41
C ALA A 110 -5.65 26.49 9.94
N ASP A 111 -5.80 27.04 8.73
CA ASP A 111 -7.06 27.61 8.28
C ASP A 111 -7.61 26.90 7.05
N VAL A 112 -7.14 25.69 6.77
CA VAL A 112 -7.60 24.90 5.63
C VAL A 112 -8.42 23.73 6.17
N GLU A 113 -9.58 23.48 5.54
CA GLU A 113 -10.42 22.37 5.97
C GLU A 113 -9.75 21.03 5.69
N VAL A 114 -9.73 20.16 6.69
CA VAL A 114 -9.33 18.78 6.51
C VAL A 114 -10.57 17.93 6.75
N ALA A 115 -11.05 17.27 5.70
CA ALA A 115 -12.24 16.43 5.81
C ALA A 115 -11.96 15.22 6.71
N GLU A 116 -13.02 14.71 7.33
CA GLU A 116 -12.90 13.44 8.05
C GLU A 116 -12.53 12.32 7.07
N THR A 117 -11.71 11.38 7.54
CA THR A 117 -11.17 10.33 6.66
C THR A 117 -12.29 9.49 6.06
N LEU A 118 -12.18 9.24 4.76
CA LEU A 118 -13.10 8.36 4.05
C LEU A 118 -12.81 6.92 4.42
N GLY A 119 -13.78 6.24 5.03
CA GLY A 119 -13.59 4.88 5.47
C GLY A 119 -14.26 3.86 4.54
N MET A 120 -13.96 2.60 4.81
CA MET A 120 -14.50 1.46 4.09
C MET A 120 -15.70 0.90 4.86
N GLU A 121 -16.76 0.51 4.14
CA GLU A 121 -17.99 0.15 4.83
C GLU A 121 -17.85 -1.17 5.58
N HIS A 122 -17.19 -2.16 4.98
CA HIS A 122 -16.86 -3.40 5.66
C HIS A 122 -15.35 -3.56 5.49
N PRO A 123 -14.57 -2.98 6.41
CA PRO A 123 -13.13 -2.78 6.19
C PRO A 123 -12.28 -4.03 6.42
N VAL A 124 -12.69 -5.14 5.80
CA VAL A 124 -12.01 -6.42 5.98
C VAL A 124 -11.89 -7.12 4.63
N LYS A 125 -11.05 -8.16 4.60
CA LYS A 125 -11.06 -9.17 3.53
C LYS A 125 -10.77 -8.58 2.14
N TYR A 126 -10.01 -7.47 2.09
CA TYR A 126 -10.03 -6.65 0.87
C TYR A 126 -8.85 -6.85 -0.09
N ARG A 127 -7.67 -7.26 0.36
CA ARG A 127 -6.51 -7.25 -0.54
C ARG A 127 -6.71 -8.21 -1.71
N ASN A 128 -6.37 -7.73 -2.91
CA ASN A 128 -6.47 -8.55 -4.11
C ASN A 128 -5.14 -9.22 -4.47
N LYS A 129 -4.16 -9.12 -3.61
CA LYS A 129 -2.86 -9.72 -3.86
C LYS A 129 -2.30 -10.14 -2.53
N ALA A 130 -1.88 -11.39 -2.46
CA ALA A 130 -1.13 -11.92 -1.35
C ALA A 130 0.32 -12.03 -1.77
N GLN A 131 1.22 -11.68 -0.86
CA GLN A 131 2.62 -12.05 -0.99
C GLN A 131 2.93 -12.71 0.33
N VAL A 132 3.17 -14.01 0.32
CA VAL A 132 3.38 -14.76 1.55
C VAL A 132 4.72 -15.47 1.43
N PRO A 133 5.56 -15.38 2.43
CA PRO A 133 6.74 -16.24 2.45
C PRO A 133 6.30 -17.68 2.69
N VAL A 134 7.11 -18.60 2.17
CA VAL A 134 6.94 -20.03 2.42
C VAL A 134 8.15 -20.48 3.22
N ARG A 135 7.91 -20.98 4.42
CA ARG A 135 9.01 -21.38 5.28
C ARG A 135 8.61 -22.65 5.99
N ARG A 136 9.61 -23.42 6.39
CA ARG A 136 9.37 -24.51 7.31
C ARG A 136 9.16 -23.92 8.69
N VAL A 137 8.02 -24.24 9.31
CA VAL A 137 7.74 -23.87 10.68
C VAL A 137 7.33 -25.14 11.40
N ASN A 138 8.00 -25.42 12.51
CA ASN A 138 7.76 -26.64 13.28
C ASN A 138 7.81 -27.89 12.40
N GLY A 139 8.76 -27.90 11.47
CA GLY A 139 9.02 -29.07 10.65
C GLY A 139 8.12 -29.24 9.44
N VAL A 140 7.15 -28.37 9.24
CA VAL A 140 6.19 -28.51 8.16
C VAL A 140 6.23 -27.24 7.32
N LEU A 141 6.21 -27.42 6.00
CA LEU A 141 6.08 -26.29 5.10
C LEU A 141 4.85 -25.49 5.47
N GLU A 142 5.03 -24.19 5.73
CA GLU A 142 3.92 -23.32 6.10
C GLU A 142 3.87 -22.09 5.22
N THR A 143 2.66 -21.57 5.07
CA THR A 143 2.43 -20.24 4.53
C THR A 143 1.96 -19.33 5.66
N GLY A 144 2.28 -18.04 5.56
CA GLY A 144 1.90 -17.11 6.62
C GLY A 144 2.44 -15.71 6.44
N PHE A 145 2.79 -15.04 7.54
CA PHE A 145 3.40 -13.73 7.46
C PHE A 145 4.43 -13.53 8.57
N PHE A 146 5.47 -12.75 8.28
CA PHE A 146 6.54 -12.52 9.24
C PHE A 146 6.05 -11.72 10.43
N ARG A 147 6.46 -12.14 11.62
CA ARG A 147 6.31 -11.30 12.80
C ARG A 147 6.96 -9.95 12.54
N LYS A 148 6.34 -8.87 13.04
CA LYS A 148 6.88 -7.52 12.87
C LYS A 148 8.36 -7.46 13.20
N ASN A 149 9.10 -6.70 12.39
CA ASN A 149 10.53 -6.44 12.60
C ASN A 149 11.34 -7.74 12.64
N SER A 150 10.87 -8.77 11.96
CA SER A 150 11.55 -10.06 11.94
C SER A 150 11.34 -10.73 10.59
N HIS A 151 11.99 -11.88 10.42
CA HIS A 151 11.74 -12.79 9.30
C HIS A 151 11.31 -14.15 9.82
N ASN A 152 10.56 -14.15 10.91
CA ASN A 152 10.04 -15.36 11.55
C ASN A 152 8.59 -15.54 11.13
N LEU A 153 8.33 -16.59 10.33
CA LEU A 153 7.01 -16.78 9.75
C LEU A 153 6.00 -17.20 10.81
N MET A 154 4.90 -16.44 10.93
CA MET A 154 3.74 -16.86 11.70
C MET A 154 2.82 -17.63 10.76
N PRO A 155 2.57 -18.93 10.97
CA PRO A 155 1.64 -19.62 10.07
C PRO A 155 0.24 -19.04 10.19
N LEU A 156 -0.34 -18.73 9.05
CA LEU A 156 -1.69 -18.18 9.01
C LEU A 156 -2.41 -18.78 7.82
N GLU A 157 -3.70 -19.02 7.99
CA GLU A 157 -4.59 -19.39 6.89
C GLU A 157 -5.56 -18.28 6.54
N ASP A 158 -6.10 -17.62 7.56
CA ASP A 158 -6.98 -16.45 7.41
C ASP A 158 -6.14 -15.20 7.60
N PHE A 159 -6.01 -14.38 6.55
CA PHE A 159 -5.18 -13.18 6.63
C PHE A 159 -5.97 -11.91 6.98
N PHE A 160 -7.25 -12.04 7.34
CA PHE A 160 -8.09 -10.97 7.86
C PHE A 160 -8.42 -9.91 6.81
N ILE A 161 -7.40 -9.28 6.21
CA ILE A 161 -7.62 -8.14 5.32
C ILE A 161 -7.39 -8.55 3.87
N GLN A 162 -7.52 -9.84 3.59
CA GLN A 162 -7.26 -10.41 2.27
C GLN A 162 -8.49 -11.12 1.71
N ASP A 163 -8.63 -11.12 0.38
CA ASP A 163 -9.66 -11.90 -0.31
C ASP A 163 -9.68 -13.34 0.21
N PRO A 164 -10.81 -13.81 0.74
CA PRO A 164 -10.84 -15.20 1.28
C PRO A 164 -10.54 -16.26 0.23
N VAL A 165 -10.83 -16.00 -1.04
CA VAL A 165 -10.48 -17.01 -2.04
C VAL A 165 -8.96 -17.07 -2.21
N ILE A 166 -8.29 -15.92 -2.15
CA ILE A 166 -6.83 -15.90 -2.15
C ILE A 166 -6.31 -16.71 -0.97
N ASP A 167 -6.88 -16.47 0.22
CA ASP A 167 -6.52 -17.29 1.38
C ASP A 167 -6.68 -18.79 1.07
N GLN A 168 -7.77 -19.17 0.40
CA GLN A 168 -8.01 -20.59 0.09
C GLN A 168 -7.00 -21.12 -0.92
N VAL A 169 -6.63 -20.31 -1.91
CA VAL A 169 -5.62 -20.73 -2.88
C VAL A 169 -4.28 -20.94 -2.19
N VAL A 170 -3.91 -19.99 -1.30
CA VAL A 170 -2.64 -20.11 -0.59
C VAL A 170 -2.62 -21.39 0.24
N VAL A 171 -3.74 -21.73 0.89
CA VAL A 171 -3.79 -22.97 1.66
C VAL A 171 -3.74 -24.20 0.74
N ALA A 172 -4.48 -24.18 -0.36
CA ALA A 172 -4.43 -25.31 -1.28
C ALA A 172 -3.03 -25.51 -1.83
N LEU A 173 -2.32 -24.41 -2.14
CA LEU A 173 -0.95 -24.49 -2.64
C LEU A 173 -0.01 -25.01 -1.58
N ARG A 174 -0.16 -24.52 -0.34
CA ARG A 174 0.58 -25.07 0.79
C ARG A 174 0.45 -26.59 0.82
N ASP A 175 -0.79 -27.10 0.80
CA ASP A 175 -0.98 -28.55 0.91
C ASP A 175 -0.43 -29.29 -0.30
N LEU A 176 -0.54 -28.72 -1.51
CA LEU A 176 0.04 -29.39 -2.67
C LEU A 176 1.55 -29.43 -2.59
N LEU A 177 2.18 -28.34 -2.14
CA LEU A 177 3.62 -28.35 -1.94
C LEU A 177 4.03 -29.46 -0.98
N ARG A 178 3.22 -29.69 0.06
CA ARG A 178 3.45 -30.80 0.98
C ARG A 178 3.28 -32.16 0.30
N ARG A 179 2.17 -32.34 -0.41
CA ARG A 179 1.91 -33.62 -1.07
C ARG A 179 3.00 -33.95 -2.08
N PHE A 180 3.53 -32.94 -2.74
CA PHE A 180 4.55 -33.15 -3.76
C PHE A 180 5.97 -33.05 -3.24
N ASP A 181 6.16 -32.87 -1.93
CA ASP A 181 7.49 -32.97 -1.32
C ASP A 181 8.43 -31.87 -1.77
N LEU A 182 7.91 -30.68 -2.04
CA LEU A 182 8.73 -29.56 -2.48
C LEU A 182 9.21 -28.76 -1.28
N LYS A 183 10.50 -28.36 -1.31
CA LYS A 183 11.08 -27.83 -0.07
C LYS A 183 10.93 -26.31 0.02
N PRO A 184 10.57 -25.79 1.19
CA PRO A 184 10.55 -24.33 1.38
C PRO A 184 11.94 -23.75 1.50
N TYR A 185 12.04 -22.47 1.15
CA TYR A 185 13.28 -21.71 1.28
C TYR A 185 13.67 -21.53 2.74
N ASP A 186 14.98 -21.55 2.98
CA ASP A 186 15.59 -21.29 4.29
C ASP A 186 16.59 -20.15 4.07
N GLU A 187 16.29 -18.97 4.61
CA GLU A 187 17.13 -17.80 4.38
C GLU A 187 18.52 -17.99 4.94
N LYS A 188 18.61 -18.55 6.15
CA LYS A 188 19.91 -18.72 6.79
C LYS A 188 20.77 -19.68 5.99
N GLU A 189 20.20 -20.80 5.53
CA GLU A 189 20.94 -21.80 4.78
C GLU A 189 21.03 -21.46 3.30
N GLN A 190 20.18 -20.56 2.80
CA GLN A 190 19.99 -20.36 1.36
C GLN A 190 19.70 -21.69 0.68
N SER A 191 18.91 -22.53 1.34
CA SER A 191 18.53 -23.84 0.86
C SER A 191 17.05 -23.84 0.51
N GLY A 192 16.62 -24.92 -0.14
CA GLY A 192 15.22 -25.10 -0.48
C GLY A 192 14.86 -24.49 -1.81
N LEU A 193 13.59 -24.66 -2.17
CA LEU A 193 13.09 -24.28 -3.48
C LEU A 193 12.10 -23.13 -3.41
N ILE A 194 11.04 -23.23 -2.60
CA ILE A 194 9.93 -22.27 -2.63
C ILE A 194 10.20 -21.11 -1.67
N ARG A 195 10.41 -19.91 -2.20
CA ARG A 195 10.65 -18.72 -1.38
C ARG A 195 9.36 -18.01 -0.99
N ASN A 196 8.51 -17.77 -1.97
CA ASN A 196 7.29 -17.03 -1.72
C ASN A 196 6.22 -17.56 -2.64
N LEU A 197 4.98 -17.28 -2.28
CA LEU A 197 3.87 -17.39 -3.19
C LEU A 197 3.33 -15.98 -3.36
N VAL A 198 3.11 -15.58 -4.58
CA VAL A 198 2.31 -14.40 -4.84
C VAL A 198 1.07 -14.86 -5.57
N VAL A 199 -0.08 -14.45 -5.06
CA VAL A 199 -1.35 -14.82 -5.64
C VAL A 199 -2.10 -13.53 -5.84
N ARG A 200 -2.48 -13.25 -7.07
CA ARG A 200 -3.33 -12.11 -7.36
C ARG A 200 -4.68 -12.66 -7.82
N ARG A 201 -5.75 -12.07 -7.31
CA ARG A 201 -7.09 -12.41 -7.74
C ARG A 201 -7.80 -11.11 -8.03
N GLY A 202 -8.34 -11.01 -9.24
CA GLY A 202 -9.09 -9.84 -9.61
C GLY A 202 -10.19 -9.57 -8.61
N HIS A 203 -10.25 -8.33 -8.13
CA HIS A 203 -11.31 -7.93 -7.21
C HIS A 203 -12.68 -8.16 -7.84
N TYR A 204 -12.82 -7.72 -9.08
CA TYR A 204 -14.04 -7.88 -9.83
C TYR A 204 -14.03 -9.12 -10.73
N SER A 205 -12.88 -9.48 -11.30
CA SER A 205 -12.88 -10.55 -12.30
C SER A 205 -12.75 -11.94 -11.69
N GLY A 206 -12.24 -12.06 -10.47
CA GLY A 206 -11.97 -13.34 -9.88
C GLY A 206 -10.86 -14.13 -10.55
N GLN A 207 -10.22 -13.59 -11.59
CA GLN A 207 -9.13 -14.30 -12.23
C GLN A 207 -7.91 -14.37 -11.33
N ILE A 208 -7.31 -15.55 -11.27
CA ILE A 208 -6.25 -15.84 -10.31
C ILE A 208 -4.95 -16.08 -11.07
N MET A 209 -3.89 -15.44 -10.59
CA MET A 209 -2.52 -15.74 -10.98
C MET A 209 -1.83 -16.29 -9.75
N VAL A 210 -1.23 -17.47 -9.91
CA VAL A 210 -0.32 -18.02 -8.92
C VAL A 210 1.09 -17.76 -9.40
N VAL A 211 1.92 -17.17 -8.55
CA VAL A 211 3.35 -17.04 -8.81
C VAL A 211 4.07 -17.92 -7.82
N LEU A 212 4.82 -18.88 -8.33
CA LEU A 212 5.76 -19.63 -7.50
C LEU A 212 7.09 -18.90 -7.58
N VAL A 213 7.54 -18.33 -6.45
CA VAL A 213 8.84 -17.66 -6.40
C VAL A 213 9.84 -18.68 -5.87
N THR A 214 10.79 -19.06 -6.71
CA THR A 214 11.68 -20.19 -6.42
C THR A 214 13.14 -19.78 -6.52
N THR A 215 13.99 -20.57 -5.87
CA THR A 215 15.42 -20.33 -5.92
C THR A 215 16.05 -20.86 -7.21
N ARG A 216 15.43 -21.82 -7.88
CA ARG A 216 16.00 -22.51 -9.03
C ARG A 216 14.92 -22.70 -10.07
N PRO A 217 15.31 -22.93 -11.33
CA PRO A 217 14.29 -23.10 -12.40
C PRO A 217 13.47 -24.37 -12.26
N LYS A 218 14.10 -25.51 -11.96
CA LYS A 218 13.40 -26.79 -12.04
C LYS A 218 12.52 -27.03 -10.80
N VAL A 219 11.24 -27.30 -11.03
CA VAL A 219 10.29 -27.66 -9.98
C VAL A 219 9.69 -29.02 -10.35
N PHE A 220 10.00 -30.04 -9.54
CA PHE A 220 9.68 -31.42 -9.90
C PHE A 220 8.17 -31.66 -9.91
N ARG A 221 7.67 -32.24 -11.02
CA ARG A 221 6.27 -32.59 -11.21
C ARG A 221 5.34 -31.40 -11.07
N VAL A 222 5.85 -30.19 -11.31
CA VAL A 222 5.01 -29.00 -11.16
C VAL A 222 3.81 -29.07 -12.09
N ASP A 223 3.93 -29.78 -13.22
CA ASP A 223 2.79 -29.89 -14.13
C ASP A 223 1.62 -30.65 -13.49
N GLN A 224 1.93 -31.68 -12.71
CA GLN A 224 0.88 -32.40 -11.99
C GLN A 224 0.31 -31.55 -10.86
N LEU A 225 1.17 -30.79 -10.17
CA LEU A 225 0.69 -29.84 -9.17
C LEU A 225 -0.25 -28.82 -9.80
N ILE A 226 0.16 -28.23 -10.92
CA ILE A 226 -0.69 -27.27 -11.60
C ILE A 226 -2.01 -27.92 -12.00
N GLU A 227 -1.94 -29.14 -12.55
CA GLU A 227 -3.14 -29.87 -12.96
C GLU A 227 -4.13 -29.98 -11.82
N GLN A 228 -3.64 -30.23 -10.61
CA GLN A 228 -4.54 -30.42 -9.48
C GLN A 228 -5.04 -29.09 -8.91
N VAL A 229 -4.19 -28.05 -8.84
CA VAL A 229 -4.66 -26.79 -8.26
C VAL A 229 -5.69 -26.14 -9.17
N ILE A 230 -5.57 -26.30 -10.48
CA ILE A 230 -6.58 -25.71 -11.35
C ILE A 230 -7.89 -26.50 -11.28
N LYS A 231 -7.82 -27.79 -10.94
CA LYS A 231 -9.03 -28.55 -10.66
C LYS A 231 -9.79 -27.96 -9.48
N GLN A 232 -9.08 -27.58 -8.42
CA GLN A 232 -9.74 -26.97 -7.28
C GLN A 232 -10.15 -25.53 -7.55
N PHE A 233 -9.37 -24.78 -8.34
CA PHE A 233 -9.61 -23.36 -8.60
C PHE A 233 -9.60 -23.13 -10.09
N PRO A 234 -10.69 -23.47 -10.77
CA PRO A 234 -10.76 -23.28 -12.23
C PRO A 234 -10.58 -21.84 -12.65
N GLU A 235 -10.69 -20.87 -11.73
CA GLU A 235 -10.46 -19.47 -12.08
C GLU A 235 -9.00 -19.13 -12.26
N ILE A 236 -8.08 -20.07 -12.06
CA ILE A 236 -6.68 -19.78 -12.30
C ILE A 236 -6.44 -19.68 -13.80
N VAL A 237 -5.92 -18.54 -14.22
CA VAL A 237 -5.60 -18.29 -15.63
C VAL A 237 -4.10 -18.24 -15.89
N SER A 238 -3.28 -18.21 -14.85
CA SER A 238 -1.85 -18.02 -15.02
C SER A 238 -1.15 -18.70 -13.88
N VAL A 239 -0.16 -19.53 -14.20
CA VAL A 239 0.78 -19.97 -13.18
C VAL A 239 2.15 -19.51 -13.64
N MET A 240 2.75 -18.61 -12.86
CA MET A 240 4.03 -18.01 -13.20
C MET A 240 5.10 -18.55 -12.26
N GLN A 241 6.34 -18.51 -12.75
CA GLN A 241 7.50 -18.77 -11.93
C GLN A 241 8.41 -17.55 -11.96
N ASN A 242 8.82 -17.08 -10.79
CA ASN A 242 9.87 -16.07 -10.69
C ASN A 242 11.06 -16.73 -10.01
N ILE A 243 12.23 -16.62 -10.62
CA ILE A 243 13.46 -17.17 -10.06
C ILE A 243 14.22 -16.05 -9.37
N ASN A 244 14.38 -16.17 -8.06
CA ASN A 244 15.18 -15.27 -7.25
C ASN A 244 16.24 -16.14 -6.60
N ASP A 245 17.47 -16.09 -7.13
CA ASP A 245 18.57 -16.90 -6.62
C ASP A 245 19.52 -16.08 -5.75
N GLN A 246 19.07 -14.94 -5.23
CA GLN A 246 19.93 -14.02 -4.50
C GLN A 246 19.56 -13.98 -3.03
N ASN A 247 20.55 -13.64 -2.21
CA ASN A 247 20.33 -13.37 -0.79
C ASN A 247 19.92 -11.91 -0.69
N THR A 248 18.62 -11.66 -0.68
CA THR A 248 18.10 -10.30 -0.71
C THR A 248 16.73 -10.27 -0.06
N ASN A 249 16.36 -9.09 0.45
CA ASN A 249 15.02 -8.89 0.94
C ASN A 249 14.01 -8.64 -0.17
N ALA A 250 14.49 -8.35 -1.38
CA ALA A 250 13.59 -8.17 -2.50
C ALA A 250 12.85 -9.47 -2.77
N ILE A 251 11.55 -9.36 -3.08
CA ILE A 251 10.77 -10.56 -3.31
C ILE A 251 11.17 -11.21 -4.63
N PHE A 252 11.22 -10.42 -5.70
CA PHE A 252 11.40 -10.95 -7.04
C PHE A 252 12.85 -10.87 -7.50
N GLY A 253 13.27 -11.89 -8.25
CA GLY A 253 14.51 -11.83 -9.01
C GLY A 253 14.23 -11.38 -10.43
N LYS A 254 15.25 -11.50 -11.28
CA LYS A 254 15.09 -10.93 -12.62
C LYS A 254 14.30 -11.83 -13.56
N GLU A 255 14.46 -13.15 -13.47
CA GLU A 255 13.91 -14.07 -14.48
C GLU A 255 12.48 -14.51 -14.14
N TRP A 256 11.58 -14.37 -15.11
CA TRP A 256 10.22 -14.89 -15.02
C TRP A 256 9.98 -15.95 -16.08
N ARG A 257 9.12 -16.92 -15.76
CA ARG A 257 8.74 -17.97 -16.69
C ARG A 257 7.25 -18.22 -16.55
N THR A 258 6.58 -18.46 -17.67
CA THR A 258 5.17 -18.86 -17.67
C THR A 258 5.08 -20.38 -17.63
N LEU A 259 4.46 -20.94 -16.58
CA LEU A 259 4.30 -22.38 -16.49
C LEU A 259 2.96 -22.86 -16.99
N TYR A 260 1.93 -22.01 -16.92
CA TYR A 260 0.59 -22.39 -17.33
C TYR A 260 -0.14 -21.14 -17.76
N GLY A 261 -0.83 -21.21 -18.89
CA GLY A 261 -1.76 -20.15 -19.25
C GLY A 261 -1.07 -18.84 -19.59
N GLN A 262 -1.68 -17.75 -19.14
CA GLN A 262 -1.26 -16.39 -19.42
C GLN A 262 -0.15 -15.95 -18.48
N ASP A 263 0.47 -14.80 -18.79
CA ASP A 263 1.41 -14.17 -17.88
C ASP A 263 0.83 -12.88 -17.27
N TYR A 264 -0.49 -12.84 -17.12
CA TYR A 264 -1.17 -11.70 -16.52
C TYR A 264 -2.56 -12.16 -16.14
N ILE A 265 -3.20 -11.40 -15.24
CA ILE A 265 -4.64 -11.46 -15.09
C ILE A 265 -5.21 -10.14 -15.61
N THR A 266 -6.51 -10.14 -15.77
CA THR A 266 -7.23 -8.93 -16.10
C THR A 266 -8.20 -8.67 -14.94
N ASP A 267 -8.25 -7.42 -14.50
CA ASP A 267 -9.17 -6.99 -13.46
C ASP A 267 -9.64 -5.60 -13.82
N GLN A 268 -10.65 -5.11 -13.10
CA GLN A 268 -11.29 -3.84 -13.42
C GLN A 268 -11.08 -2.81 -12.31
N MET A 269 -10.96 -1.55 -12.73
CA MET A 269 -10.93 -0.42 -11.79
C MET A 269 -11.59 0.78 -12.46
N LEU A 270 -12.55 1.38 -11.77
CA LEU A 270 -13.31 2.51 -12.29
C LEU A 270 -13.73 2.26 -13.73
N GLY A 271 -14.23 1.06 -14.02
CA GLY A 271 -14.80 0.75 -15.32
C GLY A 271 -13.84 0.33 -16.40
N ASN A 272 -12.53 0.34 -16.14
CA ASN A 272 -11.56 -0.03 -17.16
C ASN A 272 -10.94 -1.38 -16.83
N ASP A 273 -10.53 -2.11 -17.87
CA ASP A 273 -9.79 -3.35 -17.70
C ASP A 273 -8.31 -3.04 -17.59
N PHE A 274 -7.63 -3.74 -16.68
CA PHE A 274 -6.19 -3.61 -16.57
C PHE A 274 -5.57 -4.99 -16.63
N GLN A 275 -4.59 -5.15 -17.51
CA GLN A 275 -3.80 -6.37 -17.56
C GLN A 275 -2.67 -6.20 -16.57
N ILE A 276 -2.57 -7.15 -15.64
CA ILE A 276 -1.72 -6.99 -14.49
C ILE A 276 -0.73 -8.14 -14.51
N ALA A 277 0.52 -7.81 -14.80
CA ALA A 277 1.60 -8.79 -14.74
C ALA A 277 1.97 -9.08 -13.30
N GLY A 278 2.66 -10.20 -13.11
CA GLY A 278 3.21 -10.57 -11.82
C GLY A 278 3.82 -9.42 -11.03
N PRO A 279 4.83 -8.75 -11.58
CA PRO A 279 5.54 -7.70 -10.81
C PRO A 279 5.00 -6.28 -10.99
N ALA A 280 3.87 -6.11 -11.65
CA ALA A 280 3.34 -4.77 -11.84
C ALA A 280 2.82 -4.23 -10.51
N PHE A 281 2.91 -2.91 -10.33
CA PHE A 281 2.29 -2.31 -9.17
C PHE A 281 0.83 -2.02 -9.47
N TYR A 282 -0.04 -2.51 -8.60
CA TYR A 282 -1.48 -2.36 -8.78
C TYR A 282 -2.08 -2.30 -7.39
N GLN A 283 -2.83 -1.23 -7.07
CA GLN A 283 -3.37 -1.06 -5.72
C GLN A 283 -4.06 -2.33 -5.27
N VAL A 284 -3.72 -2.78 -4.05
CA VAL A 284 -4.29 -4.02 -3.53
C VAL A 284 -5.69 -3.84 -2.96
N ASN A 285 -6.11 -2.62 -2.64
CA ASN A 285 -7.47 -2.39 -2.15
C ASN A 285 -8.24 -1.69 -3.26
N THR A 286 -8.74 -2.50 -4.19
CA THR A 286 -9.44 -1.93 -5.34
C THR A 286 -10.61 -1.05 -4.91
N GLU A 287 -11.38 -1.52 -3.92
CA GLU A 287 -12.56 -0.78 -3.49
C GLU A 287 -12.18 0.64 -3.04
N MET A 288 -11.15 0.76 -2.21
CA MET A 288 -10.77 2.09 -1.72
C MET A 288 -9.87 2.86 -2.68
N ALA A 289 -9.09 2.18 -3.52
CA ALA A 289 -8.34 2.89 -4.54
C ALA A 289 -9.27 3.59 -5.50
N GLU A 290 -10.41 2.96 -5.83
CA GLU A 290 -11.41 3.62 -6.64
C GLU A 290 -11.89 4.91 -5.97
N LYS A 291 -12.15 4.88 -4.66
CA LYS A 291 -12.61 6.08 -3.96
C LYS A 291 -11.51 7.14 -3.89
N LEU A 292 -10.26 6.71 -3.70
CA LEU A 292 -9.13 7.63 -3.68
C LEU A 292 -9.03 8.40 -4.99
N TYR A 293 -9.01 7.67 -6.10
CA TYR A 293 -8.90 8.33 -7.40
C TYR A 293 -10.11 9.21 -7.66
N GLN A 294 -11.30 8.72 -7.29
CA GLN A 294 -12.50 9.54 -7.45
C GLN A 294 -12.39 10.84 -6.69
N THR A 295 -11.76 10.82 -5.52
CA THR A 295 -11.55 12.04 -4.72
C THR A 295 -10.64 13.02 -5.45
N ALA A 296 -9.49 12.56 -5.92
CA ALA A 296 -8.60 13.42 -6.69
C ALA A 296 -9.31 13.98 -7.92
N ILE A 297 -10.10 13.14 -8.60
CA ILE A 297 -10.88 13.61 -9.74
C ILE A 297 -11.80 14.74 -9.31
N ASP A 298 -12.53 14.54 -8.21
CA ASP A 298 -13.46 15.54 -7.72
C ASP A 298 -12.74 16.83 -7.31
N PHE A 299 -11.63 16.72 -6.58
CA PHE A 299 -10.90 17.93 -6.17
C PHE A 299 -10.40 18.71 -7.37
N ALA A 300 -9.87 18.01 -8.36
CA ALA A 300 -9.30 18.71 -9.51
C ALA A 300 -10.36 19.37 -10.36
N GLU A 301 -11.63 19.02 -10.19
CA GLU A 301 -12.72 19.57 -10.98
C GLU A 301 -12.42 19.41 -12.47
N LEU A 302 -12.22 18.16 -12.85
CA LEU A 302 -11.73 17.83 -14.19
C LEU A 302 -12.78 18.21 -15.22
N LYS A 303 -12.33 18.90 -16.27
CA LYS A 303 -13.16 19.29 -17.38
C LYS A 303 -12.65 18.62 -18.65
N LYS A 304 -13.55 18.46 -19.61
CA LYS A 304 -13.19 17.79 -20.85
C LYS A 304 -12.16 18.54 -21.67
N ASP A 305 -11.84 19.79 -21.33
CA ASP A 305 -10.77 20.52 -22.02
C ASP A 305 -9.49 20.56 -21.22
N ASP A 306 -9.45 19.89 -20.06
CA ASP A 306 -8.23 19.87 -19.29
C ASP A 306 -7.18 19.00 -19.95
N VAL A 307 -5.93 19.41 -19.78
CA VAL A 307 -4.77 18.64 -20.21
C VAL A 307 -4.06 18.21 -18.94
N ILE A 308 -3.98 16.90 -18.73
CA ILE A 308 -3.56 16.32 -17.47
C ILE A 308 -2.17 15.76 -17.68
N ILE A 309 -1.28 16.02 -16.74
CA ILE A 309 -0.07 15.22 -16.64
C ILE A 309 -0.30 14.20 -15.53
N ASP A 310 -0.21 12.91 -15.89
CA ASP A 310 -0.18 11.80 -14.93
C ASP A 310 1.29 11.56 -14.61
N ALA A 311 1.77 12.24 -13.56
CA ALA A 311 3.18 12.17 -13.20
C ALA A 311 3.46 10.86 -12.48
N TYR A 312 4.43 10.09 -12.98
CA TYR A 312 4.73 8.74 -12.47
C TYR A 312 3.53 7.81 -12.66
N SER A 313 3.26 7.48 -13.94
CA SER A 313 1.98 6.90 -14.33
C SER A 313 1.90 5.37 -14.16
N GLY A 314 3.01 4.65 -13.99
CA GLY A 314 2.86 3.22 -13.69
C GLY A 314 2.25 2.45 -14.86
N ILE A 315 1.31 1.55 -14.54
CA ILE A 315 0.68 0.75 -15.60
C ILE A 315 -0.57 1.48 -16.07
N GLY A 316 -0.74 2.72 -15.61
CA GLY A 316 -1.68 3.66 -16.20
C GLY A 316 -2.94 3.92 -15.44
N THR A 317 -3.10 3.37 -14.23
CA THR A 317 -4.43 3.36 -13.60
C THR A 317 -5.00 4.76 -13.40
N ILE A 318 -4.19 5.74 -12.96
CA ILE A 318 -4.75 7.07 -12.65
C ILE A 318 -5.13 7.80 -13.93
N GLY A 319 -4.16 7.97 -14.83
CA GLY A 319 -4.47 8.66 -16.08
C GLY A 319 -5.56 7.97 -16.89
N LEU A 320 -5.56 6.63 -16.92
CA LEU A 320 -6.61 5.97 -17.70
C LEU A 320 -7.96 6.07 -17.01
N SER A 321 -7.97 6.25 -15.68
CA SER A 321 -9.24 6.49 -14.98
C SER A 321 -9.82 7.85 -15.31
N VAL A 322 -8.97 8.85 -15.57
CA VAL A 322 -9.47 10.18 -15.87
C VAL A 322 -9.58 10.42 -17.37
N ALA A 323 -8.99 9.57 -18.20
CA ALA A 323 -8.89 9.83 -19.63
C ALA A 323 -10.25 10.14 -20.24
N LYS A 324 -11.30 9.43 -19.80
CA LYS A 324 -12.64 9.69 -20.32
C LYS A 324 -13.19 11.04 -19.89
N HIS A 325 -12.56 11.70 -18.93
CA HIS A 325 -13.07 12.97 -18.40
C HIS A 325 -12.34 14.19 -18.95
N VAL A 326 -11.22 14.02 -19.65
CA VAL A 326 -10.36 15.15 -19.97
C VAL A 326 -9.98 15.09 -21.44
N LYS A 327 -9.28 16.13 -21.89
CA LYS A 327 -8.90 16.22 -23.30
C LYS A 327 -7.74 15.29 -23.63
N GLU A 328 -6.68 15.38 -22.84
CA GLU A 328 -5.48 14.59 -23.09
C GLU A 328 -4.87 14.24 -21.74
N VAL A 329 -4.28 13.05 -21.69
CA VAL A 329 -3.51 12.57 -20.56
C VAL A 329 -2.09 12.33 -21.08
N TYR A 330 -1.12 12.98 -20.44
CA TYR A 330 0.30 12.76 -20.70
C TYR A 330 0.89 12.12 -19.48
N GLY A 331 1.32 10.86 -19.62
CA GLY A 331 1.91 10.11 -18.51
C GLY A 331 3.41 10.07 -18.67
N VAL A 332 4.12 10.27 -17.56
CA VAL A 332 5.55 10.06 -17.48
C VAL A 332 5.77 8.91 -16.54
N GLU A 333 6.62 7.98 -16.94
CA GLU A 333 6.91 6.84 -16.09
C GLU A 333 8.35 6.44 -16.35
N LEU A 334 9.08 6.17 -15.28
CA LEU A 334 10.51 5.89 -15.44
C LEU A 334 10.79 4.48 -15.96
N ILE A 335 9.90 3.51 -15.75
CA ILE A 335 10.17 2.11 -16.07
C ILE A 335 9.59 1.78 -17.44
N PRO A 336 10.39 1.38 -18.42
CA PRO A 336 9.85 1.18 -19.78
C PRO A 336 8.77 0.13 -19.88
N GLU A 337 8.91 -0.99 -19.16
CA GLU A 337 7.91 -2.06 -19.24
C GLU A 337 6.60 -1.62 -18.62
N ALA A 338 6.65 -0.72 -17.64
CA ALA A 338 5.42 -0.15 -17.11
C ALA A 338 4.75 0.71 -18.16
N VAL A 339 5.55 1.45 -18.94
CA VAL A 339 4.99 2.22 -20.04
C VAL A 339 4.39 1.27 -21.07
N GLU A 340 5.08 0.16 -21.36
CA GLU A 340 4.53 -0.86 -22.26
C GLU A 340 3.16 -1.33 -21.78
N ASN A 341 3.06 -1.63 -20.48
CA ASN A 341 1.80 -2.08 -19.90
C ASN A 341 0.74 -1.00 -19.95
N SER A 342 1.13 0.25 -19.71
CA SER A 342 0.14 1.32 -19.72
C SER A 342 -0.37 1.58 -21.12
N GLN A 343 0.50 1.40 -22.12
CA GLN A 343 0.07 1.47 -23.51
C GLN A 343 -0.85 0.31 -23.87
N LYS A 344 -0.53 -0.91 -23.40
CA LYS A 344 -1.44 -2.05 -23.60
C LYS A 344 -2.78 -1.81 -22.93
N ASN A 345 -2.76 -1.29 -21.71
CA ASN A 345 -4.01 -1.06 -20.99
C ASN A 345 -4.83 0.03 -21.63
N ALA A 346 -4.18 1.04 -22.21
CA ALA A 346 -4.94 2.04 -22.95
C ALA A 346 -5.60 1.39 -24.15
N SER A 347 -4.86 0.55 -24.86
CA SER A 347 -5.37 -0.10 -26.07
C SER A 347 -6.48 -1.11 -25.75
N LEU A 348 -6.29 -1.92 -24.70
CA LEU A 348 -7.33 -2.84 -24.25
C LEU A 348 -8.67 -2.14 -24.02
N ASN A 349 -8.64 -0.93 -23.47
CA ASN A 349 -9.86 -0.18 -23.22
C ASN A 349 -10.22 0.78 -24.34
N LYS A 350 -9.52 0.68 -25.49
CA LYS A 350 -9.75 1.58 -26.63
C LYS A 350 -9.65 3.04 -26.21
N ILE A 351 -8.69 3.36 -25.35
CA ILE A 351 -8.44 4.74 -24.94
C ILE A 351 -7.36 5.30 -25.84
N THR A 352 -7.66 6.39 -26.53
CA THR A 352 -6.76 6.95 -27.53
C THR A 352 -6.19 8.32 -27.16
N ASN A 353 -6.55 8.88 -26.02
CA ASN A 353 -6.06 10.20 -25.63
C ASN A 353 -5.10 10.14 -24.45
N ALA A 354 -4.44 9.00 -24.28
CA ALA A 354 -3.50 8.78 -23.20
C ALA A 354 -2.16 8.44 -23.85
N HIS A 355 -1.15 9.25 -23.60
CA HIS A 355 0.17 9.12 -24.24
C HIS A 355 1.24 9.10 -23.18
N TYR A 356 2.21 8.21 -23.35
CA TYR A 356 3.16 7.92 -22.30
C TYR A 356 4.57 8.14 -22.80
N VAL A 357 5.41 8.69 -21.93
CA VAL A 357 6.82 8.77 -22.21
C VAL A 357 7.55 8.09 -21.08
N CYS A 358 8.66 7.48 -21.44
CA CYS A 358 9.59 6.93 -20.46
C CYS A 358 10.73 7.94 -20.35
N ASP A 359 10.73 8.70 -19.26
CA ASP A 359 11.71 9.77 -19.03
C ASP A 359 11.58 10.20 -17.56
N THR A 360 12.46 11.11 -17.15
CA THR A 360 12.25 11.80 -15.88
C THR A 360 11.08 12.75 -16.06
N ALA A 361 10.41 13.07 -14.95
CA ALA A 361 9.26 13.96 -15.04
C ALA A 361 9.68 15.35 -15.51
N GLU A 362 10.80 15.86 -14.98
CA GLU A 362 11.29 17.18 -15.40
C GLU A 362 11.58 17.21 -16.90
N ASN A 363 12.24 16.18 -17.42
CA ASN A 363 12.59 16.20 -18.84
C ASN A 363 11.35 16.04 -19.70
N ALA A 364 10.41 15.18 -19.29
CA ALA A 364 9.16 15.07 -20.03
C ALA A 364 8.41 16.39 -20.05
N MET A 365 8.32 17.06 -18.89
CA MET A 365 7.65 18.35 -18.84
C MET A 365 8.37 19.37 -19.71
N LYS A 366 9.70 19.38 -19.69
CA LYS A 366 10.44 20.30 -20.56
C LYS A 366 10.13 20.03 -22.03
N LYS A 367 10.17 18.76 -22.43
CA LYS A 367 9.91 18.44 -23.83
C LYS A 367 8.44 18.67 -24.20
N TRP A 368 7.52 18.28 -23.33
CA TRP A 368 6.11 18.55 -23.61
C TRP A 368 5.85 20.06 -23.77
N LEU A 369 6.44 20.89 -22.89
CA LEU A 369 6.26 22.32 -23.02
C LEU A 369 6.88 22.83 -24.30
N LYS A 370 8.07 22.32 -24.65
CA LYS A 370 8.70 22.68 -25.91
C LYS A 370 7.83 22.26 -27.10
N GLU A 371 7.08 21.18 -26.96
CA GLU A 371 6.18 20.70 -28.01
C GLU A 371 4.89 21.51 -28.11
N GLY A 372 4.68 22.46 -27.20
CA GLY A 372 3.48 23.27 -27.22
C GLY A 372 2.38 22.79 -26.30
N ILE A 373 2.61 21.73 -25.52
CA ILE A 373 1.58 21.25 -24.62
C ILE A 373 1.45 22.23 -23.47
N GLN A 374 0.20 22.48 -23.05
CA GLN A 374 -0.10 23.50 -22.04
C GLN A 374 -0.87 22.81 -20.91
N PRO A 375 -0.15 22.20 -19.98
CA PRO A 375 -0.82 21.44 -18.92
C PRO A 375 -1.63 22.34 -18.01
N THR A 376 -2.75 21.82 -17.56
CA THR A 376 -3.66 22.56 -16.72
C THR A 376 -3.88 21.88 -15.38
N VAL A 377 -3.66 20.56 -15.31
CA VAL A 377 -3.77 19.79 -14.08
C VAL A 377 -2.59 18.84 -14.03
N ILE A 378 -1.98 18.73 -12.86
CA ILE A 378 -0.99 17.68 -12.65
C ILE A 378 -1.55 16.77 -11.57
N LEU A 379 -1.59 15.48 -11.86
CA LEU A 379 -1.92 14.46 -10.87
C LEU A 379 -0.64 13.74 -10.53
N VAL A 380 -0.27 13.74 -9.27
CA VAL A 380 0.97 13.10 -8.89
C VAL A 380 0.75 12.32 -7.61
N ASP A 381 1.19 11.06 -7.60
CA ASP A 381 1.12 10.20 -6.43
C ASP A 381 2.56 9.85 -6.09
N PRO A 382 3.25 10.73 -5.35
CA PRO A 382 4.66 10.54 -5.09
C PRO A 382 4.90 9.31 -4.25
N PRO A 383 6.12 8.78 -4.25
CA PRO A 383 6.47 7.79 -3.23
C PRO A 383 6.45 8.43 -1.87
N ARG A 384 6.66 7.61 -0.84
CA ARG A 384 6.63 8.06 0.55
C ARG A 384 7.50 9.30 0.78
N LYS A 385 8.61 9.41 0.05
CA LYS A 385 9.56 10.51 0.29
C LYS A 385 9.10 11.83 -0.31
N GLY A 386 7.96 11.85 -1.00
CA GLY A 386 7.45 13.08 -1.57
C GLY A 386 8.17 13.45 -2.85
N LEU A 387 8.02 14.71 -3.22
CA LEU A 387 8.56 15.24 -4.46
C LEU A 387 9.88 15.97 -4.22
N THR A 388 10.70 16.06 -5.27
CA THR A 388 11.92 16.84 -5.23
C THR A 388 11.61 18.31 -5.51
N GLU A 389 12.52 19.19 -5.06
CA GLU A 389 12.39 20.60 -5.39
C GLU A 389 12.45 20.81 -6.90
N SER A 390 13.30 20.05 -7.59
CA SER A 390 13.34 20.07 -9.05
C SER A 390 11.97 19.75 -9.64
N PHE A 391 11.32 18.67 -9.17
CA PHE A 391 10.01 18.34 -9.69
C PHE A 391 9.00 19.46 -9.39
N ILE A 392 8.98 19.93 -8.15
CA ILE A 392 8.02 20.96 -7.77
C ILE A 392 8.19 22.21 -8.64
N LYS A 393 9.43 22.67 -8.80
CA LYS A 393 9.64 23.85 -9.63
C LYS A 393 9.31 23.56 -11.08
N ALA A 394 9.65 22.36 -11.57
CA ALA A 394 9.33 22.01 -12.96
C ALA A 394 7.82 21.96 -13.16
N SER A 395 7.10 21.34 -12.23
CA SER A 395 5.65 21.29 -12.35
C SER A 395 5.06 22.68 -12.28
N ALA A 396 5.61 23.54 -11.42
CA ALA A 396 5.15 24.93 -11.36
C ALA A 396 5.48 25.68 -12.64
N GLN A 397 6.66 25.45 -13.22
CA GLN A 397 7.04 26.10 -14.47
C GLN A 397 6.14 25.70 -15.63
N THR A 398 5.43 24.58 -15.54
CA THR A 398 4.51 24.23 -16.62
C THR A 398 3.34 25.19 -16.69
N GLY A 399 3.09 25.95 -15.61
CA GLY A 399 1.92 26.80 -15.57
C GLY A 399 0.65 26.12 -15.12
N ALA A 400 0.67 24.80 -14.89
CA ALA A 400 -0.53 24.07 -14.50
C ALA A 400 -1.19 24.74 -13.29
N ASP A 401 -2.50 24.97 -13.40
CA ASP A 401 -3.22 25.71 -12.37
C ASP A 401 -3.55 24.87 -11.17
N ARG A 402 -3.87 23.59 -11.36
CA ARG A 402 -4.27 22.73 -10.26
C ARG A 402 -3.39 21.51 -10.19
N ILE A 403 -3.01 21.15 -8.97
CA ILE A 403 -2.20 19.99 -8.73
C ILE A 403 -2.91 19.15 -7.69
N ALA A 404 -3.21 17.88 -8.05
CA ALA A 404 -3.78 16.92 -7.11
C ALA A 404 -2.63 16.08 -6.62
N TYR A 405 -2.32 16.24 -5.37
CA TYR A 405 -1.21 15.58 -4.73
C TYR A 405 -1.83 14.42 -3.95
N ILE A 406 -1.55 13.19 -4.39
CA ILE A 406 -2.06 11.98 -3.76
C ILE A 406 -0.91 11.45 -2.93
N SER A 407 -0.99 11.63 -1.61
CA SER A 407 0.13 11.35 -0.73
C SER A 407 -0.09 10.06 0.05
N CYS A 408 0.96 9.27 0.17
CA CYS A 408 0.98 8.15 1.11
C CYS A 408 1.79 8.49 2.35
N ASN A 409 2.12 9.77 2.54
CA ASN A 409 2.92 10.23 3.68
C ASN A 409 2.59 11.70 3.93
N VAL A 410 1.77 11.98 4.94
CA VAL A 410 1.33 13.36 5.22
C VAL A 410 2.52 14.26 5.49
N ALA A 411 3.61 13.72 6.05
CA ALA A 411 4.72 14.58 6.45
C ALA A 411 5.41 15.19 5.25
N THR A 412 5.70 14.39 4.23
CA THR A 412 6.37 14.96 3.06
C THR A 412 5.40 15.77 2.22
N MET A 413 4.10 15.46 2.29
CA MET A 413 3.12 16.31 1.64
C MET A 413 3.17 17.74 2.20
N ALA A 414 3.17 17.88 3.52
CA ALA A 414 3.16 19.22 4.13
C ALA A 414 4.42 20.01 3.76
N ARG A 415 5.57 19.32 3.68
CA ARG A 415 6.80 19.99 3.27
C ARG A 415 6.70 20.50 1.85
N ASP A 416 6.23 19.64 0.95
CA ASP A 416 6.09 20.02 -0.45
C ASP A 416 5.09 21.14 -0.61
N ILE A 417 4.00 21.12 0.19
CA ILE A 417 3.01 22.19 0.15
C ILE A 417 3.66 23.55 0.42
N LYS A 418 4.62 23.61 1.34
CA LYS A 418 5.27 24.88 1.67
C LYS A 418 5.93 25.50 0.46
N LEU A 419 6.65 24.70 -0.33
CA LEU A 419 7.31 25.23 -1.51
C LEU A 419 6.28 25.66 -2.55
N TYR A 420 5.26 24.83 -2.79
CA TYR A 420 4.21 25.22 -3.72
C TYR A 420 3.56 26.54 -3.28
N GLN A 421 3.42 26.77 -1.98
CA GLN A 421 2.91 28.06 -1.51
C GLN A 421 3.87 29.21 -1.81
N GLU A 422 5.17 28.99 -1.58
CA GLU A 422 6.15 30.00 -1.94
C GLU A 422 6.09 30.32 -3.43
N LEU A 423 5.77 29.32 -4.24
CA LEU A 423 5.72 29.48 -5.68
C LEU A 423 4.38 30.03 -6.16
N GLY A 424 3.48 30.37 -5.25
CA GLY A 424 2.21 30.97 -5.60
C GLY A 424 1.02 30.05 -5.64
N TYR A 425 1.15 28.80 -5.18
CA TYR A 425 0.01 27.90 -5.10
C TYR A 425 -0.61 27.99 -3.71
N GLU A 426 -1.92 27.91 -3.66
CA GLU A 426 -2.67 27.88 -2.42
C GLU A 426 -3.17 26.47 -2.15
N LEU A 427 -3.05 26.03 -0.89
CA LEU A 427 -3.66 24.77 -0.49
C LEU A 427 -5.14 25.01 -0.26
N LYS A 428 -5.97 24.35 -1.06
CA LYS A 428 -7.41 24.60 -1.10
C LYS A 428 -8.21 23.61 -0.27
N LYS A 429 -7.90 22.32 -0.36
CA LYS A 429 -8.66 21.34 0.42
C LYS A 429 -7.84 20.07 0.56
N VAL A 430 -8.22 19.29 1.57
CA VAL A 430 -7.48 18.10 1.97
C VAL A 430 -8.49 17.03 2.35
N GLN A 431 -8.31 15.80 1.82
CA GLN A 431 -9.18 14.67 2.12
C GLN A 431 -8.35 13.41 2.42
N PRO A 432 -8.27 13.00 3.67
CA PRO A 432 -7.67 11.69 3.96
C PRO A 432 -8.58 10.55 3.51
N VAL A 433 -7.95 9.46 3.08
CA VAL A 433 -8.68 8.28 2.59
C VAL A 433 -8.08 7.04 3.23
N ASP A 434 -8.94 6.14 3.73
CA ASP A 434 -8.48 4.92 4.38
C ASP A 434 -8.24 3.85 3.33
N LEU A 435 -7.11 3.98 2.63
CA LEU A 435 -6.77 3.06 1.55
C LEU A 435 -6.40 1.69 2.08
N PHE A 436 -5.83 1.62 3.28
CA PHE A 436 -5.42 0.37 3.90
C PHE A 436 -6.10 0.28 5.27
N PRO A 437 -7.40 -0.02 5.31
CA PRO A 437 -8.09 -0.11 6.59
C PRO A 437 -7.45 -1.14 7.50
N GLN A 438 -7.56 -0.88 8.80
CA GLN A 438 -7.06 -1.66 9.91
C GLN A 438 -5.56 -1.44 10.10
N THR A 439 -4.87 -0.75 9.19
CA THR A 439 -3.44 -0.44 9.28
C THR A 439 -3.20 1.03 9.68
N HIS A 440 -1.93 1.36 9.92
CA HIS A 440 -1.47 2.72 10.26
C HIS A 440 -1.51 3.69 9.08
N HIS A 441 -1.63 3.18 7.87
CA HIS A 441 -1.37 3.95 6.67
C HIS A 441 -2.38 5.08 6.54
N VAL A 442 -1.89 6.29 6.27
CA VAL A 442 -2.76 7.44 6.01
C VAL A 442 -2.49 7.89 4.57
N GLU A 443 -3.51 7.81 3.74
CA GLU A 443 -3.44 8.31 2.37
C GLU A 443 -4.18 9.63 2.34
N THR A 444 -3.66 10.60 1.59
CA THR A 444 -4.26 11.92 1.59
C THR A 444 -4.27 12.46 0.18
N VAL A 445 -5.39 13.09 -0.20
CA VAL A 445 -5.46 13.87 -1.43
C VAL A 445 -5.45 15.33 -1.02
N ALA A 446 -4.53 16.11 -1.59
CA ALA A 446 -4.45 17.55 -1.36
C ALA A 446 -4.59 18.27 -2.68
N LEU A 447 -5.42 19.31 -2.69
CA LEU A 447 -5.61 20.13 -3.88
C LEU A 447 -4.81 21.42 -3.72
N LEU A 448 -3.81 21.60 -4.57
CA LEU A 448 -3.08 22.87 -4.65
C LEU A 448 -3.52 23.61 -5.89
N SER A 449 -3.71 24.92 -5.77
CA SER A 449 -4.20 25.68 -6.92
C SER A 449 -3.65 27.10 -6.87
N LYS A 450 -3.18 27.58 -8.01
CA LYS A 450 -2.82 28.99 -8.12
C LYS A 450 -3.93 29.81 -8.75
N LEU A 451 -5.16 29.32 -8.70
CA LEU A 451 -6.35 30.11 -9.00
C LEU A 451 -6.92 30.71 -7.72
N ASP A 452 -7.44 31.92 -7.83
CA ASP A 452 -8.15 32.62 -6.75
C ASP A 452 -7.29 32.72 -5.50
N VAL A 453 -6.08 33.24 -5.67
CA VAL A 453 -5.11 33.31 -4.58
C VAL A 453 -4.86 34.77 -4.21
#